data_3PB8
#
_entry.id   3PB8
#
_cell.length_a   53.301
_cell.length_b   68.580
_cell.length_c   77.439
_cell.angle_alpha   90.00
_cell.angle_beta   90.00
_cell.angle_gamma   90.00
#
_symmetry.space_group_name_H-M   'P 21 21 21'
#
loop_
_entity.id
_entity.type
_entity.pdbx_description
1 polymer 'Glutaminyl-peptide cyclotransferase-like protein'
2 non-polymer N-[2-(1H-IMIDAZOL-4-YL)ETHYL]ACETAMIDE
3 non-polymer 'ZINC ION'
4 water water
#
_entity_poly.entity_id   1
_entity_poly.type   'polypeptide(L)'
_entity_poly.pdbx_seq_one_letter_code
;SGWHRRTEELPLGRELRVPLIGSLPEARLRRVVGQLDPQRLWSTYLRPLLVVRTPGSPGNLQVRKFLEATLRSLTAGWHV
ELDPFTASTPLGPVDFGNVVATLDPRAARHLTLACHYDSKLFPPGSTPFVGATDSAVPCALLLELAQALDLELSRAKKQA
APVTLQLLFLDGEEALKEWGPKDSLYGSRHLAQLMESIPHSPGPTRIQAIELFMLLDLLGAPNPTFYSHFPRTVRWFHRL
RSIEKRLHRLNLLQSHPQEVMYFQPGEPFGSVEDDHIPFLRRGVPVLHLISTPFPAVWHTPADTEVNLHPPTVHNLCRIL
AVFLAEYLGL
;
_entity_poly.pdbx_strand_id   X
#
loop_
_chem_comp.id
_chem_comp.type
_chem_comp.name
_chem_comp.formula
AHN non-polymer N-[2-(1H-IMIDAZOL-4-YL)ETHYL]ACETAMIDE 'C7 H11 N3 O'
ZN non-polymer 'ZINC ION' 'Zn 2'
#
# COMPACT_ATOMS: atom_id res chain seq x y z
N VAL A 18 -10.81 -10.43 -19.52
CA VAL A 18 -10.99 -10.06 -21.01
C VAL A 18 -9.81 -9.23 -21.45
N PRO A 19 -9.47 -9.39 -22.75
CA PRO A 19 -8.31 -8.68 -23.22
C PRO A 19 -8.73 -7.31 -23.78
N LEU A 20 -8.62 -6.27 -22.95
CA LEU A 20 -8.96 -4.90 -23.32
C LEU A 20 -7.73 -4.20 -23.83
N ILE A 21 -7.93 -3.11 -24.59
CA ILE A 21 -6.82 -2.27 -24.95
C ILE A 21 -6.13 -1.78 -23.68
N GLY A 22 -4.80 -1.85 -23.67
CA GLY A 22 -4.02 -1.44 -22.54
C GLY A 22 -3.78 -2.55 -21.57
N SER A 23 -4.44 -3.71 -21.77
CA SER A 23 -4.19 -4.79 -20.87
C SER A 23 -3.02 -5.58 -21.31
N LEU A 24 -2.49 -6.45 -20.43
CA LEU A 24 -1.38 -7.31 -20.84
C LEU A 24 -1.89 -8.37 -21.80
N PRO A 25 -1.06 -8.72 -22.81
CA PRO A 25 -1.32 -10.01 -23.51
C PRO A 25 -1.22 -11.12 -22.51
N GLU A 26 -1.95 -12.19 -22.71
CA GLU A 26 -1.98 -13.28 -21.77
C GLU A 26 -0.58 -13.78 -21.43
N ALA A 27 0.32 -13.88 -22.40
CA ALA A 27 1.63 -14.41 -22.11
C ALA A 27 2.32 -13.53 -21.11
N ARG A 28 2.28 -12.20 -21.27
CA ARG A 28 2.98 -11.26 -20.35
C ARG A 28 2.25 -11.31 -18.97
N LEU A 29 0.92 -11.44 -18.92
CA LEU A 29 0.20 -11.62 -17.67
C LEU A 29 0.69 -12.84 -16.90
N ARG A 30 0.74 -13.98 -17.57
CA ARG A 30 1.14 -15.14 -16.90
C ARG A 30 2.64 -15.09 -16.47
N ARG A 31 3.50 -14.39 -17.23
CA ARG A 31 4.85 -14.26 -16.76
C ARG A 31 4.85 -13.46 -15.50
N VAL A 32 4.19 -12.30 -15.48
CA VAL A 32 4.17 -11.48 -14.32
C VAL A 32 3.65 -12.23 -13.07
N VAL A 33 2.52 -12.89 -13.19
CA VAL A 33 1.99 -13.62 -12.06
C VAL A 33 2.95 -14.69 -11.60
N GLY A 34 3.64 -15.33 -12.55
CA GLY A 34 4.61 -16.33 -12.20
C GLY A 34 5.87 -15.84 -11.48
N GLN A 35 6.14 -14.55 -11.51
CA GLN A 35 7.25 -14.01 -10.78
C GLN A 35 6.96 -13.74 -9.30
N LEU A 36 5.69 -13.86 -8.89
CA LEU A 36 5.32 -13.75 -7.48
C LEU A 36 5.75 -15.03 -6.78
N ASP A 37 6.12 -14.90 -5.50
CA ASP A 37 6.53 -16.04 -4.71
C ASP A 37 5.73 -15.99 -3.41
N PRO A 38 4.71 -16.82 -3.28
CA PRO A 38 3.85 -16.72 -2.10
C PRO A 38 4.57 -16.97 -0.80
N GLN A 39 5.56 -17.89 -0.79
CA GLN A 39 6.32 -18.12 0.44
C GLN A 39 7.18 -16.92 0.81
N ARG A 40 7.78 -16.24 -0.20
CA ARG A 40 8.53 -15.04 0.06
C ARG A 40 7.63 -13.95 0.64
N LEU A 41 6.47 -13.71 0.02
CA LEU A 41 5.54 -12.73 0.57
C LEU A 41 5.29 -13.06 2.03
N TRP A 42 4.92 -14.31 2.33
CA TRP A 42 4.47 -14.63 3.67
C TRP A 42 5.59 -14.56 4.71
N SER A 43 6.73 -15.20 4.40
CA SER A 43 7.80 -15.41 5.39
C SER A 43 8.82 -14.29 5.41
N THR A 44 9.18 -13.80 4.23
CA THR A 44 10.23 -12.78 4.08
C THR A 44 9.70 -11.40 4.30
N TYR A 45 8.44 -11.10 3.89
CA TYR A 45 7.90 -9.78 3.95
C TYR A 45 6.85 -9.61 5.00
N LEU A 46 5.95 -10.54 5.21
CA LEU A 46 4.86 -10.37 6.17
C LEU A 46 5.27 -10.75 7.59
N ARG A 47 5.76 -11.98 7.76
CA ARG A 47 6.06 -12.44 9.12
C ARG A 47 6.91 -11.46 9.93
N PRO A 48 8.00 -10.89 9.38
CA PRO A 48 8.83 -10.04 10.23
C PRO A 48 8.11 -8.80 10.72
N LEU A 49 7.02 -8.38 10.05
CA LEU A 49 6.24 -7.18 10.46
C LEU A 49 5.29 -7.41 11.53
N LEU A 50 4.98 -8.67 11.85
CA LEU A 50 3.83 -8.98 12.77
C LEU A 50 4.25 -8.93 14.21
N VAL A 51 4.59 -7.69 14.62
CA VAL A 51 5.05 -7.42 15.94
C VAL A 51 4.38 -6.11 16.34
N VAL A 52 4.38 -5.84 17.64
CA VAL A 52 3.93 -4.54 18.11
C VAL A 52 4.86 -3.47 17.57
N ARG A 53 4.30 -2.41 16.98
CA ARG A 53 5.08 -1.42 16.23
C ARG A 53 4.37 -0.08 16.39
N THR A 54 4.03 0.27 17.62
CA THR A 54 3.41 1.55 17.90
C THR A 54 4.46 2.67 17.72
N PRO A 55 4.00 3.87 17.38
CA PRO A 55 5.00 4.99 17.13
C PRO A 55 5.93 5.17 18.32
N GLY A 56 7.18 5.32 18.02
CA GLY A 56 8.19 5.53 19.03
C GLY A 56 8.74 4.29 19.65
N SER A 57 8.11 3.14 19.45
CA SER A 57 8.58 1.92 20.10
C SER A 57 9.80 1.34 19.42
N PRO A 58 10.54 0.51 20.15
CA PRO A 58 11.62 -0.27 19.50
C PRO A 58 11.13 -1.11 18.36
N GLY A 59 9.96 -1.75 18.53
CA GLY A 59 9.42 -2.60 17.46
C GLY A 59 9.14 -1.77 16.19
N ASN A 60 8.57 -0.59 16.34
CA ASN A 60 8.36 0.28 15.22
C ASN A 60 9.65 0.66 14.53
N LEU A 61 10.66 1.02 15.34
CA LEU A 61 11.99 1.36 14.77
C LEU A 61 12.55 0.17 14.01
N GLN A 62 12.43 -1.05 14.59
CA GLN A 62 12.96 -2.23 13.94
C GLN A 62 12.21 -2.52 12.66
N VAL A 63 10.89 -2.33 12.62
CA VAL A 63 10.16 -2.54 11.37
C VAL A 63 10.58 -1.47 10.37
N ARG A 64 10.75 -0.21 10.76
CA ARG A 64 11.21 0.81 9.88
C ARG A 64 12.51 0.40 9.22
N LYS A 65 13.49 -0.06 10.04
CA LYS A 65 14.78 -0.43 9.51
C LYS A 65 14.69 -1.63 8.60
N PHE A 66 13.80 -2.55 8.88
CA PHE A 66 13.56 -3.70 8.05
C PHE A 66 13.01 -3.31 6.68
N LEU A 67 12.04 -2.41 6.67
CA LEU A 67 11.49 -1.90 5.41
C LEU A 67 12.60 -1.21 4.62
N GLU A 68 13.36 -0.34 5.27
CA GLU A 68 14.41 0.37 4.58
C GLU A 68 15.44 -0.57 3.97
N ALA A 69 15.92 -1.52 4.75
CA ALA A 69 16.96 -2.42 4.27
C ALA A 69 16.41 -3.33 3.17
N THR A 70 15.15 -3.79 3.29
CA THR A 70 14.60 -4.64 2.24
C THR A 70 14.50 -3.82 0.96
N LEU A 71 14.03 -2.59 1.02
CA LEU A 71 13.92 -1.77 -0.17
C LEU A 71 15.28 -1.47 -0.78
N ARG A 72 16.26 -1.17 0.04
CA ARG A 72 17.63 -0.92 -0.47
C ARG A 72 18.23 -2.13 -1.13
N SER A 73 17.81 -3.31 -0.74
CA SER A 73 18.37 -4.55 -1.30
C SER A 73 17.93 -4.79 -2.71
N LEU A 74 16.80 -4.19 -3.16
CA LEU A 74 16.28 -4.48 -4.51
C LEU A 74 17.25 -4.11 -5.54
N THR A 75 17.51 -4.98 -6.52
CA THR A 75 18.61 -4.71 -7.45
C THR A 75 18.32 -3.50 -8.33
N ALA A 76 17.00 -3.08 -8.48
CA ALA A 76 16.71 -1.94 -9.25
C ALA A 76 17.36 -0.66 -8.77
N GLY A 77 17.74 -0.59 -7.49
CA GLY A 77 18.47 0.55 -6.99
C GLY A 77 17.56 1.73 -6.66
N TRP A 78 16.56 1.49 -5.84
CA TRP A 78 15.62 2.53 -5.43
C TRP A 78 16.31 3.60 -4.60
N HIS A 79 15.79 4.83 -4.68
CA HIS A 79 16.19 5.91 -3.74
C HIS A 79 15.29 5.69 -2.51
N VAL A 80 15.89 5.43 -1.37
CA VAL A 80 15.16 5.17 -0.16
C VAL A 80 15.55 6.19 0.85
N GLU A 81 14.61 6.91 1.43
CA GLU A 81 14.91 7.84 2.49
C GLU A 81 13.85 7.82 3.55
N LEU A 82 14.26 8.20 4.70
CA LEU A 82 13.33 8.48 5.82
C LEU A 82 12.83 9.88 5.83
N ASP A 83 11.60 10.12 6.35
CA ASP A 83 11.04 11.41 6.69
C ASP A 83 10.84 11.34 8.18
N PRO A 84 11.86 11.67 8.99
CA PRO A 84 11.70 11.64 10.44
C PRO A 84 11.21 12.96 10.95
N PHE A 85 10.41 12.93 11.97
CA PHE A 85 9.93 14.19 12.60
C PHE A 85 9.47 13.87 13.99
N THR A 86 9.35 14.89 14.83
CA THR A 86 8.76 14.70 16.20
C THR A 86 7.51 15.51 16.26
N ALA A 87 6.44 14.98 16.78
CA ALA A 87 5.15 15.68 16.86
C ALA A 87 4.58 15.53 18.22
N SER A 88 3.75 16.49 18.58
CA SER A 88 2.96 16.39 19.78
C SER A 88 1.81 15.39 19.65
N THR A 89 1.60 14.63 20.67
CA THR A 89 0.61 13.60 20.72
C THR A 89 -0.06 13.61 22.06
N PRO A 90 -1.12 12.83 22.31
CA PRO A 90 -1.69 12.74 23.65
C PRO A 90 -0.73 12.12 24.67
N LEU A 91 0.35 11.48 24.20
CA LEU A 91 1.37 10.88 25.04
C LEU A 91 2.57 11.78 25.22
N GLY A 92 2.50 13.03 24.76
CA GLY A 92 3.68 13.89 24.73
C GLY A 92 4.36 13.82 23.40
N PRO A 93 5.53 14.38 23.30
CA PRO A 93 6.29 14.34 22.02
C PRO A 93 6.63 12.90 21.65
N VAL A 94 6.43 12.56 20.37
CA VAL A 94 6.75 11.23 19.84
C VAL A 94 7.47 11.45 18.52
N ASP A 95 8.43 10.60 18.27
CA ASP A 95 9.10 10.58 16.99
C ASP A 95 8.40 9.64 16.00
N PHE A 96 8.27 10.07 14.78
CA PHE A 96 7.65 9.31 13.68
C PHE A 96 8.67 9.30 12.53
N GLY A 97 8.53 8.31 11.65
CA GLY A 97 9.40 8.26 10.50
C GLY A 97 8.72 7.56 9.34
N ASN A 98 8.41 8.30 8.28
CA ASN A 98 7.88 7.65 7.09
C ASN A 98 8.97 7.08 6.25
N VAL A 99 8.82 5.95 5.62
CA VAL A 99 9.81 5.39 4.67
C VAL A 99 9.32 5.69 3.28
N VAL A 100 10.17 6.41 2.51
CA VAL A 100 9.83 6.90 1.21
C VAL A 100 10.76 6.28 0.19
N ALA A 101 10.26 5.45 -0.71
CA ALA A 101 11.08 4.78 -1.70
C ALA A 101 10.64 5.25 -3.05
N THR A 102 11.55 5.82 -3.83
CA THR A 102 11.22 6.34 -5.15
C THR A 102 12.16 5.63 -6.12
N LEU A 103 11.64 4.88 -7.07
CA LEU A 103 12.54 4.06 -7.90
C LEU A 103 13.50 4.93 -8.69
N ASP A 104 12.96 5.91 -9.39
CA ASP A 104 13.83 6.82 -10.17
C ASP A 104 13.51 8.26 -9.74
N PRO A 105 14.30 8.85 -8.83
CA PRO A 105 14.03 10.22 -8.40
C PRO A 105 14.13 11.26 -9.51
N ARG A 106 14.68 10.90 -10.66
CA ARG A 106 14.79 11.88 -11.73
C ARG A 106 13.51 12.02 -12.55
N ALA A 107 12.67 10.99 -12.47
CA ALA A 107 11.51 10.96 -13.32
C ALA A 107 10.55 12.11 -13.02
N ALA A 108 9.84 12.57 -14.04
CA ALA A 108 8.88 13.64 -13.88
C ALA A 108 7.77 13.27 -12.91
N ARG A 109 7.19 12.07 -12.99
CA ARG A 109 6.04 11.73 -12.18
C ARG A 109 6.10 10.26 -11.77
N HIS A 110 5.22 9.87 -10.90
CA HIS A 110 5.20 8.49 -10.41
C HIS A 110 3.81 8.09 -10.02
N LEU A 111 3.56 6.80 -10.22
CA LEU A 111 2.53 6.11 -9.47
C LEU A 111 2.98 5.93 -8.05
N THR A 112 2.18 6.31 -7.06
CA THR A 112 2.54 6.14 -5.67
C THR A 112 1.61 5.12 -5.05
N LEU A 113 2.19 4.07 -4.48
CA LEU A 113 1.44 3.11 -3.68
C LEU A 113 1.79 3.35 -2.22
N ALA A 114 0.82 3.33 -1.34
CA ALA A 114 1.04 3.69 0.06
C ALA A 114 0.32 2.75 0.99
N CYS A 115 0.82 2.73 2.24
CA CYS A 115 0.18 1.98 3.31
C CYS A 115 0.80 2.52 4.62
N HIS A 116 0.25 2.08 5.76
CA HIS A 116 0.82 2.48 7.06
C HIS A 116 1.53 1.29 7.70
N TYR A 117 2.70 1.54 8.32
CA TYR A 117 3.44 0.45 8.96
C TYR A 117 3.35 0.46 10.47
N ASP A 118 2.84 1.51 11.09
CA ASP A 118 2.65 1.50 12.52
C ASP A 118 1.54 0.57 12.87
N SER A 119 1.49 0.14 14.16
CA SER A 119 0.33 -0.56 14.69
C SER A 119 -0.30 0.32 15.75
N LYS A 120 -1.61 0.10 15.93
CA LYS A 120 -2.41 0.89 16.87
C LYS A 120 -2.04 0.55 18.29
N LEU A 121 -1.86 1.60 19.11
CA LEU A 121 -1.57 1.40 20.53
C LEU A 121 -2.82 1.07 21.27
N PHE A 122 -2.73 0.00 22.06
CA PHE A 122 -3.75 -0.37 23.01
C PHE A 122 -3.14 -0.29 24.41
N PRO A 123 -3.98 -0.15 25.44
CA PRO A 123 -3.60 -0.19 26.82
C PRO A 123 -2.86 -1.48 27.16
N PRO A 124 -1.95 -1.43 28.11
CA PRO A 124 -1.29 -2.58 28.54
C PRO A 124 -2.31 -3.50 29.24
N GLY A 125 -1.95 -4.74 29.18
CA GLY A 125 -2.63 -5.72 29.90
C GLY A 125 -3.54 -6.58 29.03
N SER A 126 -3.49 -6.41 27.73
CA SER A 126 -4.30 -7.25 26.84
C SER A 126 -3.38 -7.96 25.85
N THR A 127 -3.90 -8.87 24.98
CA THR A 127 -3.08 -9.47 23.98
C THR A 127 -2.59 -8.34 23.09
N PRO A 128 -1.31 -8.33 22.86
CA PRO A 128 -0.82 -7.33 22.00
C PRO A 128 -1.46 -7.29 20.60
N PHE A 129 -1.68 -6.11 20.12
CA PHE A 129 -2.27 -5.89 18.80
C PHE A 129 -1.14 -5.74 17.77
N VAL A 130 -1.20 -6.60 16.74
CA VAL A 130 -0.19 -6.56 15.71
C VAL A 130 -0.78 -6.21 14.33
N GLY A 131 -2.08 -5.94 14.22
CA GLY A 131 -2.61 -5.36 12.95
C GLY A 131 -2.16 -6.10 11.73
N ALA A 132 -2.56 -7.40 11.64
CA ALA A 132 -2.17 -8.19 10.48
C ALA A 132 -2.77 -7.61 9.18
N THR A 133 -4.07 -7.31 9.18
CA THR A 133 -4.70 -6.66 8.01
C THR A 133 -4.42 -5.18 7.96
N ASP A 134 -3.95 -4.64 9.09
CA ASP A 134 -4.05 -3.21 9.42
C ASP A 134 -2.71 -2.75 9.97
N SER A 135 -1.66 -2.63 9.16
CA SER A 135 -1.62 -2.87 7.71
C SER A 135 -0.40 -3.69 7.35
N ALA A 136 -0.13 -4.76 8.11
CA ALA A 136 1.03 -5.57 7.78
C ALA A 136 0.90 -6.20 6.39
N VAL A 137 -0.28 -6.73 6.05
CA VAL A 137 -0.47 -7.32 4.72
C VAL A 137 -0.25 -6.26 3.62
N PRO A 138 -0.86 -5.08 3.70
CA PRO A 138 -0.52 -4.01 2.74
C PRO A 138 0.98 -3.78 2.58
N CYS A 139 1.70 -3.69 3.72
CA CYS A 139 3.13 -3.46 3.63
C CYS A 139 3.82 -4.59 2.85
N ALA A 140 3.49 -5.82 3.23
CA ALA A 140 4.13 -6.97 2.60
C ALA A 140 3.80 -7.05 1.13
N LEU A 141 2.57 -6.70 0.74
CA LEU A 141 2.22 -6.67 -0.68
C LEU A 141 3.12 -5.72 -1.44
N LEU A 142 3.37 -4.52 -0.91
CA LEU A 142 4.22 -3.57 -1.64
C LEU A 142 5.60 -4.13 -1.81
N LEU A 143 6.18 -4.73 -0.76
CA LEU A 143 7.53 -5.32 -0.88
C LEU A 143 7.54 -6.43 -1.89
N GLU A 144 6.56 -7.29 -1.91
CA GLU A 144 6.53 -8.42 -2.85
C GLU A 144 6.37 -7.89 -4.28
N LEU A 145 5.54 -6.89 -4.51
CA LEU A 145 5.43 -6.33 -5.89
C LEU A 145 6.74 -5.79 -6.35
N ALA A 146 7.42 -5.04 -5.48
CA ALA A 146 8.72 -4.45 -5.87
C ALA A 146 9.76 -5.52 -6.18
N GLN A 147 9.76 -6.60 -5.43
CA GLN A 147 10.71 -7.68 -5.68
C GLN A 147 10.33 -8.45 -6.91
N ALA A 148 9.07 -8.86 -7.04
CA ALA A 148 8.63 -9.70 -8.18
C ALA A 148 8.86 -8.97 -9.50
N LEU A 149 8.70 -7.65 -9.55
CA LEU A 149 8.85 -6.87 -10.77
C LEU A 149 10.21 -6.18 -10.79
N ASP A 150 11.16 -6.64 -9.97
CA ASP A 150 12.41 -5.89 -9.91
C ASP A 150 13.17 -5.75 -11.25
N LEU A 151 13.22 -6.86 -12.01
CA LEU A 151 13.96 -6.73 -13.28
C LEU A 151 13.33 -5.75 -14.25
N GLU A 152 12.01 -5.83 -14.33
CA GLU A 152 11.26 -4.94 -15.20
C GLU A 152 11.36 -3.49 -14.74
N LEU A 153 11.30 -3.28 -13.40
CA LEU A 153 11.40 -1.94 -12.89
C LEU A 153 12.79 -1.38 -13.11
N SER A 154 13.80 -2.24 -12.93
CA SER A 154 15.17 -1.80 -13.20
C SER A 154 15.37 -1.38 -14.67
N ARG A 155 14.79 -2.19 -15.55
CA ARG A 155 14.87 -1.83 -17.02
C ARG A 155 14.14 -0.54 -17.30
N ALA A 156 12.96 -0.33 -16.70
CA ALA A 156 12.21 0.90 -16.97
C ALA A 156 13.01 2.13 -16.57
N LYS A 157 13.66 2.03 -15.40
CA LYS A 157 14.41 3.08 -14.86
C LYS A 157 15.61 3.30 -15.76
N LYS A 158 16.27 2.22 -16.21
CA LYS A 158 17.50 2.40 -17.05
C LYS A 158 17.10 3.09 -18.38
N GLN A 159 15.88 2.85 -18.85
CA GLN A 159 15.33 3.50 -20.05
C GLN A 159 14.78 4.91 -19.80
N ALA A 160 14.92 5.45 -18.56
CA ALA A 160 14.44 6.79 -18.20
C ALA A 160 12.96 6.90 -18.47
N ALA A 161 12.17 5.90 -18.08
CA ALA A 161 10.75 6.02 -18.24
C ALA A 161 10.26 7.31 -17.53
N PRO A 162 9.36 8.13 -18.15
CA PRO A 162 8.95 9.40 -17.46
C PRO A 162 7.97 9.21 -16.35
N VAL A 163 7.37 7.99 -16.18
CA VAL A 163 6.57 7.70 -14.96
C VAL A 163 7.24 6.55 -14.24
N THR A 164 7.65 6.82 -13.01
CA THR A 164 8.31 5.84 -12.14
C THR A 164 7.31 5.32 -11.08
N LEU A 165 7.84 4.57 -10.14
CA LEU A 165 7.05 4.02 -9.04
C LEU A 165 7.61 4.58 -7.74
N GLN A 166 6.67 4.87 -6.82
CA GLN A 166 7.02 5.31 -5.48
C GLN A 166 6.25 4.49 -4.48
N LEU A 167 6.89 4.08 -3.41
CA LEU A 167 6.22 3.34 -2.32
C LEU A 167 6.36 4.13 -1.06
N LEU A 168 5.26 4.37 -0.37
CA LEU A 168 5.27 5.10 0.91
C LEU A 168 4.79 4.14 2.01
N PHE A 169 5.63 4.01 3.04
CA PHE A 169 5.28 3.27 4.25
C PHE A 169 5.14 4.31 5.33
N LEU A 170 3.92 4.68 5.68
CA LEU A 170 3.62 5.82 6.54
C LEU A 170 3.60 5.40 7.99
N ASP A 171 4.18 6.22 8.85
CA ASP A 171 4.14 6.01 10.28
C ASP A 171 2.95 6.74 10.86
N GLY A 172 2.52 6.34 12.07
CA GLY A 172 1.57 7.14 12.78
C GLY A 172 0.22 7.30 12.15
N GLU A 173 -0.29 6.37 11.32
CA GLU A 173 -1.67 6.52 10.84
C GLU A 173 -2.63 6.48 11.99
N GLU A 174 -2.41 5.55 12.92
CA GLU A 174 -3.39 5.28 13.97
C GLU A 174 -3.38 6.30 15.06
N ALA A 175 -4.50 6.54 15.68
CA ALA A 175 -4.55 7.33 16.92
C ALA A 175 -3.74 6.67 18.01
N LEU A 176 -3.06 7.48 18.84
CA LEU A 176 -2.37 6.92 19.98
C LEU A 176 -3.26 6.70 21.18
N LYS A 177 -4.29 7.52 21.29
CA LYS A 177 -5.25 7.42 22.44
C LYS A 177 -6.62 7.71 22.02
N GLU A 178 -6.92 7.56 20.73
CA GLU A 178 -8.24 7.97 20.16
C GLU A 178 -8.66 9.34 20.68
N TRP A 179 -7.71 10.26 20.66
CA TRP A 179 -7.86 11.55 21.36
C TRP A 179 -8.18 12.64 20.40
N GLY A 180 -9.23 12.49 19.62
CA GLY A 180 -9.68 13.51 18.70
C GLY A 180 -9.04 13.54 17.37
N PRO A 181 -9.49 14.47 16.55
CA PRO A 181 -9.18 14.43 15.15
C PRO A 181 -7.69 14.68 14.82
N LYS A 182 -6.93 15.31 15.72
CA LYS A 182 -5.51 15.59 15.47
C LYS A 182 -4.68 14.48 16.04
N ASP A 183 -5.29 13.45 16.65
CA ASP A 183 -4.54 12.28 17.08
C ASP A 183 -4.74 11.21 16.05
N SER A 184 -4.13 11.38 14.88
CA SER A 184 -4.31 10.47 13.71
C SER A 184 -3.45 10.98 12.59
N LEU A 185 -3.10 10.11 11.65
CA LEU A 185 -2.53 10.56 10.38
C LEU A 185 -1.27 11.39 10.59
N TYR A 186 -0.46 11.03 11.59
CA TYR A 186 0.69 11.84 11.87
C TYR A 186 1.65 11.85 10.69
N GLY A 187 1.98 10.68 10.20
CA GLY A 187 2.94 10.54 9.11
C GLY A 187 2.50 11.12 7.82
N SER A 188 1.27 10.82 7.41
CA SER A 188 0.76 11.35 6.13
C SER A 188 0.57 12.88 6.18
N ARG A 189 0.09 13.42 7.29
CA ARG A 189 -0.03 14.87 7.34
C ARG A 189 1.34 15.50 7.21
N HIS A 190 2.34 14.97 7.89
CA HIS A 190 3.66 15.50 7.80
C HIS A 190 4.21 15.36 6.39
N LEU A 191 4.08 14.18 5.79
CA LEU A 191 4.76 13.95 4.51
C LEU A 191 4.09 14.78 3.41
N ALA A 192 2.77 14.93 3.44
CA ALA A 192 2.14 15.76 2.43
C ALA A 192 2.63 17.23 2.54
N GLN A 193 2.70 17.74 3.74
CA GLN A 193 3.24 19.08 3.90
C GLN A 193 4.68 19.16 3.45
N LEU A 194 5.49 18.17 3.77
CA LEU A 194 6.89 18.15 3.36
C LEU A 194 7.00 18.11 1.84
N MET A 195 6.23 17.26 1.17
CA MET A 195 6.29 17.18 -0.27
C MET A 195 5.85 18.50 -0.93
N GLU A 196 4.87 19.17 -0.34
CA GLU A 196 4.45 20.48 -0.86
C GLU A 196 5.58 21.49 -0.78
N SER A 197 6.52 21.35 0.16
CA SER A 197 7.57 22.29 0.38
C SER A 197 8.81 21.96 -0.41
N ILE A 198 8.87 20.83 -1.13
CA ILE A 198 10.12 20.43 -1.82
C ILE A 198 9.92 20.59 -3.33
N PRO A 199 10.80 21.33 -4.00
CA PRO A 199 10.68 21.47 -5.48
C PRO A 199 10.91 20.13 -6.17
N HIS A 200 10.27 20.00 -7.30
CA HIS A 200 10.46 18.83 -8.19
C HIS A 200 10.34 19.31 -9.60
N SER A 201 11.04 18.66 -10.53
CA SER A 201 10.98 19.01 -11.95
C SER A 201 10.17 17.94 -12.74
N PRO A 202 9.10 18.36 -13.45
CA PRO A 202 8.60 19.73 -13.59
C PRO A 202 7.81 20.23 -12.42
N GLY A 203 7.18 19.32 -11.63
CA GLY A 203 6.58 19.75 -10.38
C GLY A 203 5.45 20.70 -10.55
N PRO A 204 5.41 21.82 -9.81
CA PRO A 204 6.63 22.44 -9.29
C PRO A 204 7.07 21.91 -7.94
N THR A 205 6.21 21.12 -7.26
CA THR A 205 6.61 20.52 -6.00
C THR A 205 6.47 19.01 -6.11
N ARG A 206 6.94 18.27 -5.10
CA ARG A 206 6.81 16.81 -5.12
C ARG A 206 5.31 16.38 -5.09
N ILE A 207 4.39 17.20 -4.56
CA ILE A 207 2.96 16.80 -4.62
C ILE A 207 2.53 16.56 -6.06
N GLN A 208 2.92 17.47 -6.98
CA GLN A 208 2.42 17.35 -8.35
C GLN A 208 3.11 16.21 -9.08
N ALA A 209 4.18 15.60 -8.55
CA ALA A 209 4.79 14.44 -9.15
C ALA A 209 3.93 13.20 -8.99
N ILE A 210 2.95 13.21 -8.07
CA ILE A 210 2.16 12.00 -7.82
C ILE A 210 1.05 11.95 -8.87
N GLU A 211 1.20 11.03 -9.83
CA GLU A 211 0.23 10.91 -10.91
C GLU A 211 -1.06 10.24 -10.42
N LEU A 212 -0.91 9.30 -9.46
CA LEU A 212 -2.03 8.62 -8.83
C LEU A 212 -1.51 8.13 -7.48
N PHE A 213 -2.29 8.30 -6.44
CA PHE A 213 -1.95 7.84 -5.10
C PHE A 213 -2.92 6.67 -4.78
N MET A 214 -2.42 5.45 -4.70
CA MET A 214 -3.22 4.29 -4.40
C MET A 214 -2.88 3.84 -3.00
N LEU A 215 -3.85 3.94 -2.09
CA LEU A 215 -3.63 3.63 -0.68
C LEU A 215 -4.20 2.27 -0.41
N LEU A 216 -3.37 1.34 0.06
CA LEU A 216 -3.80 -0.02 0.44
C LEU A 216 -3.99 -0.05 1.95
N ASP A 217 -5.15 -0.53 2.43
CA ASP A 217 -5.41 -0.55 3.87
C ASP A 217 -6.40 -1.61 4.16
N LEU A 218 -6.26 -2.30 5.30
CA LEU A 218 -7.26 -3.29 5.74
C LEU A 218 -7.44 -4.39 4.72
N LEU A 219 -6.34 -5.07 4.41
CA LEU A 219 -6.31 -6.15 3.41
C LEU A 219 -5.82 -7.44 4.03
N GLY A 220 -6.32 -8.57 3.57
CA GLY A 220 -5.90 -9.88 3.98
C GLY A 220 -6.97 -10.69 4.69
N ALA A 221 -8.05 -10.07 5.09
CA ALA A 221 -9.19 -10.82 5.63
C ALA A 221 -9.95 -11.52 4.53
N PRO A 222 -10.71 -12.59 4.87
CA PRO A 222 -11.57 -13.22 3.87
C PRO A 222 -12.70 -12.28 3.44
N ASN A 223 -13.13 -12.42 2.21
CA ASN A 223 -14.30 -11.71 1.68
C ASN A 223 -14.24 -10.20 1.80
N PRO A 224 -13.15 -9.57 1.33
CA PRO A 224 -13.13 -8.12 1.29
C PRO A 224 -14.06 -7.60 0.21
N THR A 225 -14.52 -6.38 0.35
CA THR A 225 -15.27 -5.69 -0.68
C THR A 225 -14.75 -4.28 -0.83
N PHE A 226 -14.48 -3.89 -2.07
CA PHE A 226 -13.94 -2.58 -2.42
C PHE A 226 -14.92 -1.86 -3.29
N TYR A 227 -15.02 -0.54 -3.07
CA TYR A 227 -15.85 0.33 -3.92
C TYR A 227 -15.00 1.49 -4.39
N SER A 228 -15.42 2.17 -5.46
CA SER A 228 -14.76 3.35 -5.91
C SER A 228 -15.15 4.51 -5.02
N HIS A 229 -14.20 5.12 -4.32
CA HIS A 229 -14.47 6.23 -3.41
C HIS A 229 -14.41 7.57 -4.11
N PHE A 230 -13.83 7.64 -5.31
CA PHE A 230 -13.55 8.94 -5.96
C PHE A 230 -13.90 8.79 -7.43
N PRO A 231 -14.96 9.47 -7.89
CA PRO A 231 -15.28 9.47 -9.33
C PRO A 231 -14.10 9.82 -10.20
N ARG A 232 -13.23 10.71 -9.73
CA ARG A 232 -12.06 11.13 -10.51
C ARG A 232 -11.21 9.96 -10.97
N THR A 233 -11.10 8.95 -10.14
CA THR A 233 -10.20 7.78 -10.43
C THR A 233 -10.98 6.50 -10.72
N VAL A 234 -12.26 6.59 -11.04
CA VAL A 234 -12.98 5.39 -11.25
C VAL A 234 -12.42 4.55 -12.40
N ARG A 235 -11.76 5.15 -13.39
CA ARG A 235 -11.25 4.33 -14.47
C ARG A 235 -10.26 3.30 -13.95
N TRP A 236 -9.49 3.64 -12.93
CA TRP A 236 -8.56 2.67 -12.35
C TRP A 236 -9.24 1.60 -11.52
N PHE A 237 -10.31 2.01 -10.86
CA PHE A 237 -11.14 1.04 -10.15
C PHE A 237 -11.72 0.03 -11.14
N HIS A 238 -12.23 0.52 -12.28
CA HIS A 238 -12.75 -0.40 -13.31
C HIS A 238 -11.62 -1.32 -13.83
N ARG A 239 -10.41 -0.82 -13.93
CA ARG A 239 -9.33 -1.71 -14.36
C ARG A 239 -9.08 -2.82 -13.33
N LEU A 240 -9.08 -2.48 -12.04
CA LEU A 240 -8.93 -3.51 -11.02
C LEU A 240 -10.02 -4.56 -11.13
N ARG A 241 -11.24 -4.11 -11.29
CA ARG A 241 -12.34 -5.04 -11.43
C ARG A 241 -12.15 -5.96 -12.65
N SER A 242 -11.77 -5.38 -13.76
CA SER A 242 -11.51 -6.16 -14.97
C SER A 242 -10.43 -7.19 -14.77
N ILE A 243 -9.35 -6.81 -14.05
CA ILE A 243 -8.27 -7.72 -13.76
C ILE A 243 -8.77 -8.83 -12.88
N GLU A 244 -9.55 -8.54 -11.85
CA GLU A 244 -10.13 -9.62 -11.01
C GLU A 244 -10.89 -10.63 -11.89
N LYS A 245 -11.78 -10.13 -12.73
CA LYS A 245 -12.57 -11.03 -13.58
C LYS A 245 -11.67 -11.84 -14.50
N ARG A 246 -10.67 -11.20 -15.08
CA ARG A 246 -9.79 -11.90 -16.01
C ARG A 246 -8.97 -13.00 -15.29
N LEU A 247 -8.40 -12.68 -14.15
CA LEU A 247 -7.66 -13.70 -13.40
C LEU A 247 -8.56 -14.81 -12.99
N HIS A 248 -9.79 -14.53 -12.60
CA HIS A 248 -10.75 -15.58 -12.33
C HIS A 248 -10.87 -16.52 -13.54
N ARG A 249 -11.21 -15.95 -14.68
CA ARG A 249 -11.43 -16.71 -15.90
C ARG A 249 -10.20 -17.50 -16.32
N LEU A 250 -8.99 -16.96 -16.11
CA LEU A 250 -7.76 -17.62 -16.49
C LEU A 250 -7.30 -18.65 -15.48
N ASN A 251 -8.14 -18.96 -14.50
CA ASN A 251 -7.79 -19.97 -13.45
C ASN A 251 -6.57 -19.57 -12.66
N LEU A 252 -6.48 -18.30 -12.29
CA LEU A 252 -5.37 -17.80 -11.54
C LEU A 252 -5.75 -17.30 -10.14
N LEU A 253 -6.97 -17.42 -9.73
CA LEU A 253 -7.42 -17.05 -8.37
C LEU A 253 -7.84 -18.31 -7.62
N GLN A 254 -7.74 -18.27 -6.30
CA GLN A 254 -8.13 -19.38 -5.44
C GLN A 254 -9.22 -18.96 -4.51
N SER A 255 -10.06 -19.90 -4.10
CA SER A 255 -11.11 -19.59 -3.16
C SER A 255 -11.92 -18.41 -3.63
N HIS A 256 -12.23 -18.37 -4.95
CA HIS A 256 -12.85 -17.24 -5.55
C HIS A 256 -13.99 -17.74 -6.46
N PRO A 257 -15.10 -18.20 -5.86
CA PRO A 257 -16.08 -19.02 -6.68
C PRO A 257 -16.88 -18.19 -7.60
N GLN A 258 -17.05 -16.90 -7.33
CA GLN A 258 -17.76 -16.06 -8.24
C GLN A 258 -16.84 -15.15 -9.05
N GLU A 259 -17.25 -14.76 -10.23
CA GLU A 259 -16.35 -14.04 -11.13
C GLU A 259 -15.92 -12.69 -10.56
N VAL A 260 -16.84 -11.97 -9.95
CA VAL A 260 -16.51 -10.73 -9.26
C VAL A 260 -16.93 -10.88 -7.84
N MET A 261 -16.02 -10.69 -6.94
CA MET A 261 -16.28 -10.79 -5.52
C MET A 261 -15.76 -9.53 -4.87
N TYR A 262 -14.55 -9.09 -5.18
CA TYR A 262 -13.92 -8.00 -4.42
C TYR A 262 -14.33 -6.64 -4.88
N PHE A 263 -14.24 -6.36 -6.16
CA PHE A 263 -14.43 -5.00 -6.70
C PHE A 263 -15.90 -4.77 -7.05
N GLN A 264 -16.61 -4.12 -6.20
CA GLN A 264 -18.06 -3.98 -6.30
C GLN A 264 -18.44 -2.65 -6.96
N PRO A 265 -19.53 -2.67 -7.73
CA PRO A 265 -20.02 -1.44 -8.35
C PRO A 265 -20.84 -0.58 -7.37
N GLY A 266 -21.09 0.68 -7.74
CA GLY A 266 -22.01 1.49 -6.92
C GLY A 266 -21.32 2.32 -5.87
N GLU A 267 -22.16 3.03 -5.13
CA GLU A 267 -21.69 3.92 -4.08
C GLU A 267 -21.02 3.10 -3.00
N PRO A 268 -19.98 3.67 -2.36
CA PRO A 268 -19.34 2.88 -1.31
C PRO A 268 -20.29 2.51 -0.19
N PHE A 269 -20.05 1.35 0.41
CA PHE A 269 -20.68 0.96 1.70
C PHE A 269 -20.43 2.10 2.68
N GLY A 270 -19.19 2.60 2.74
CA GLY A 270 -18.87 3.83 3.43
C GLY A 270 -17.49 4.30 2.99
N SER A 271 -17.18 5.57 3.23
CA SER A 271 -15.85 6.11 3.02
C SER A 271 -15.31 6.62 4.29
N VAL A 272 -13.96 6.59 4.41
CA VAL A 272 -13.36 6.89 5.68
C VAL A 272 -12.11 7.68 5.53
N GLU A 273 -11.83 8.50 6.52
CA GLU A 273 -10.60 9.21 6.62
C GLU A 273 -9.41 8.22 6.70
N ASP A 274 -8.29 8.55 6.08
CA ASP A 274 -7.14 7.65 6.09
C ASP A 274 -5.98 8.50 5.56
N ASP A 275 -4.86 7.83 5.36
CA ASP A 275 -3.61 8.50 4.97
C ASP A 275 -3.71 9.19 3.62
N HIS A 276 -4.72 8.93 2.80
CA HIS A 276 -4.85 9.68 1.54
C HIS A 276 -5.35 11.09 1.76
N ILE A 277 -5.98 11.40 2.87
CA ILE A 277 -6.65 12.71 3.01
C ILE A 277 -5.69 13.89 2.87
N PRO A 278 -4.48 13.90 3.49
CA PRO A 278 -3.59 15.04 3.31
C PRO A 278 -3.19 15.25 1.88
N PHE A 279 -3.15 14.18 1.09
CA PHE A 279 -2.81 14.27 -0.32
C PHE A 279 -4.03 14.73 -1.13
N LEU A 280 -5.18 14.13 -0.87
CA LEU A 280 -6.42 14.49 -1.54
C LEU A 280 -6.69 15.97 -1.40
N ARG A 281 -6.49 16.52 -0.20
CA ARG A 281 -6.75 17.93 0.03
C ARG A 281 -5.89 18.82 -0.78
N ARG A 282 -4.71 18.34 -1.23
CA ARG A 282 -3.75 19.10 -2.03
C ARG A 282 -3.92 18.81 -3.53
N GLY A 283 -4.98 18.11 -3.89
CA GLY A 283 -5.34 17.90 -5.29
C GLY A 283 -4.77 16.64 -5.91
N VAL A 284 -4.18 15.76 -5.10
CA VAL A 284 -3.63 14.53 -5.62
C VAL A 284 -4.77 13.57 -5.96
N PRO A 285 -4.78 12.92 -7.13
CA PRO A 285 -5.80 11.93 -7.41
C PRO A 285 -5.56 10.68 -6.58
N VAL A 286 -6.61 10.14 -5.96
CA VAL A 286 -6.52 9.00 -5.05
C VAL A 286 -7.42 7.86 -5.48
N LEU A 287 -6.91 6.63 -5.31
CA LEU A 287 -7.74 5.43 -5.32
C LEU A 287 -7.55 4.77 -3.94
N HIS A 288 -8.65 4.56 -3.21
CA HIS A 288 -8.57 4.07 -1.82
C HIS A 288 -8.89 2.60 -1.81
N LEU A 289 -7.88 1.75 -1.76
CA LEU A 289 -8.05 0.32 -1.77
C LEU A 289 -8.13 -0.22 -0.36
N ILE A 290 -9.33 -0.09 0.23
CA ILE A 290 -9.62 -0.40 1.59
C ILE A 290 -10.90 -1.24 1.60
N SER A 291 -10.94 -2.33 2.37
CA SER A 291 -12.19 -3.10 2.48
C SER A 291 -13.23 -2.27 3.25
N THR A 292 -14.43 -2.21 2.68
CA THR A 292 -15.60 -1.62 3.37
C THR A 292 -16.77 -2.55 3.07
N PRO A 293 -17.36 -3.24 4.06
CA PRO A 293 -17.04 -3.14 5.50
C PRO A 293 -15.60 -3.59 5.78
N PHE A 294 -15.17 -3.13 6.94
CA PHE A 294 -13.85 -3.49 7.47
C PHE A 294 -13.78 -4.96 7.81
N PRO A 295 -12.60 -5.53 7.96
CA PRO A 295 -12.48 -6.91 8.46
C PRO A 295 -13.22 -7.10 9.75
N ALA A 296 -13.71 -8.33 9.95
CA ALA A 296 -14.38 -8.65 11.22
C ALA A 296 -13.53 -8.38 12.42
N VAL A 297 -12.22 -8.63 12.30
CA VAL A 297 -11.27 -8.49 13.41
C VAL A 297 -10.86 -7.05 13.68
N TRP A 298 -11.36 -6.09 12.92
CA TRP A 298 -10.87 -4.69 12.96
C TRP A 298 -10.72 -4.15 14.37
N HIS A 299 -9.51 -3.65 14.69
CA HIS A 299 -9.23 -2.97 15.95
C HIS A 299 -9.55 -3.83 17.15
N THR A 300 -9.34 -5.12 16.99
CA THR A 300 -9.30 -6.06 18.10
C THR A 300 -7.97 -6.81 18.01
N PRO A 301 -7.52 -7.35 19.14
CA PRO A 301 -6.31 -8.17 19.08
C PRO A 301 -6.41 -9.41 18.31
N ALA A 302 -7.59 -9.82 17.82
CA ALA A 302 -7.69 -10.96 16.90
C ALA A 302 -7.25 -10.62 15.47
N ASP A 303 -6.78 -9.39 15.20
CA ASP A 303 -6.27 -9.08 13.85
C ASP A 303 -4.83 -9.59 13.76
N THR A 304 -4.71 -10.89 13.51
CA THR A 304 -3.48 -11.63 13.59
C THR A 304 -3.28 -12.50 12.35
N GLU A 305 -2.09 -13.09 12.27
CA GLU A 305 -1.74 -13.96 11.16
C GLU A 305 -2.73 -15.08 10.98
N VAL A 306 -3.15 -15.76 12.08
CA VAL A 306 -3.98 -16.97 11.94
C VAL A 306 -5.33 -16.60 11.37
N ASN A 307 -5.81 -15.34 11.51
CA ASN A 307 -7.09 -14.94 10.96
C ASN A 307 -6.99 -14.33 9.58
N LEU A 308 -5.83 -14.17 9.02
CA LEU A 308 -5.73 -13.83 7.61
C LEU A 308 -6.25 -14.98 6.79
N HIS A 309 -6.64 -14.70 5.55
CA HIS A 309 -7.05 -15.74 4.61
C HIS A 309 -6.01 -15.79 3.49
N PRO A 310 -5.04 -16.74 3.56
CA PRO A 310 -3.90 -16.66 2.61
C PRO A 310 -4.33 -16.66 1.15
N PRO A 311 -5.34 -17.45 0.73
CA PRO A 311 -5.66 -17.38 -0.72
C PRO A 311 -6.07 -15.98 -1.10
N THR A 312 -6.79 -15.25 -0.25
CA THR A 312 -7.16 -13.87 -0.59
C THR A 312 -5.97 -12.98 -0.68
N VAL A 313 -5.00 -13.13 0.26
CA VAL A 313 -3.77 -12.34 0.19
C VAL A 313 -3.12 -12.51 -1.19
N HIS A 314 -2.97 -13.79 -1.59
CA HIS A 314 -2.26 -14.01 -2.87
C HIS A 314 -3.09 -13.56 -4.08
N ASN A 315 -4.41 -13.71 -3.97
CA ASN A 315 -5.30 -13.20 -5.05
C ASN A 315 -5.09 -11.69 -5.21
N LEU A 316 -5.09 -10.97 -4.10
CA LEU A 316 -4.89 -9.51 -4.15
C LEU A 316 -3.52 -9.19 -4.74
N CYS A 317 -2.49 -9.97 -4.33
CA CYS A 317 -1.16 -9.75 -4.85
C CYS A 317 -1.13 -9.89 -6.39
N ARG A 318 -1.82 -10.95 -6.88
CA ARG A 318 -1.88 -11.16 -8.33
C ARG A 318 -2.59 -10.04 -9.05
N ILE A 319 -3.73 -9.61 -8.54
CA ILE A 319 -4.47 -8.47 -9.11
C ILE A 319 -3.57 -7.25 -9.18
N LEU A 320 -2.89 -6.96 -8.05
CA LEU A 320 -2.07 -5.76 -7.99
C LEU A 320 -0.87 -5.86 -8.92
N ALA A 321 -0.27 -7.05 -9.04
CA ALA A 321 0.89 -7.20 -9.92
C ALA A 321 0.50 -6.92 -11.39
N VAL A 322 -0.63 -7.46 -11.81
CA VAL A 322 -1.10 -7.19 -13.16
C VAL A 322 -1.40 -5.67 -13.30
N PHE A 323 -2.07 -5.07 -12.31
CA PHE A 323 -2.36 -3.68 -12.36
C PHE A 323 -1.09 -2.87 -12.58
N LEU A 324 -0.08 -3.17 -11.74
CA LEU A 324 1.16 -2.44 -11.79
C LEU A 324 1.86 -2.58 -13.16
N ALA A 325 1.95 -3.81 -13.63
CA ALA A 325 2.56 -4.04 -14.93
C ALA A 325 1.80 -3.32 -16.04
N GLU A 326 0.48 -3.31 -15.97
CA GLU A 326 -0.30 -2.57 -17.04
C GLU A 326 -0.05 -1.06 -16.86
N TYR A 327 -0.02 -0.52 -15.65
CA TYR A 327 0.10 0.88 -15.47
C TYR A 327 1.41 1.38 -15.98
N LEU A 328 2.49 0.67 -15.67
CA LEU A 328 3.83 1.09 -16.00
C LEU A 328 4.40 0.45 -17.28
N GLY A 329 3.58 -0.31 -17.98
CA GLY A 329 4.05 -0.98 -19.25
C GLY A 329 5.25 -1.89 -19.02
N LEU A 330 5.18 -2.77 -18.00
CA LEU A 330 6.24 -3.69 -17.64
C LEU A 330 6.10 -5.06 -18.26
C AHN B . -11.62 5.89 10.36
O AHN B . -11.59 5.11 11.37
CT AHN B . -12.75 6.93 10.09
N AHN B . -10.67 5.84 9.45
CA AHN B . -9.55 5.02 9.70
CB AHN B . -9.63 3.65 8.91
CG AHN B . -8.51 2.73 9.43
CD2 AHN B . -8.32 2.23 10.67
ND1 AHN B . -7.46 2.32 8.72
CE1 AHN B . -6.70 1.56 9.46
NE2 AHN B . -7.19 1.50 10.70
ZN ZN C . -6.43 0.52 12.20
#